data_5GLT
#
_entry.id   5GLT
#
_cell.length_a   60.578
_cell.length_b   84.313
_cell.length_c   78.554
_cell.angle_alpha   90.00
_cell.angle_beta   109.23
_cell.angle_gamma   90.00
#
_symmetry.space_group_name_H-M   'P 1 21 1'
#
loop_
_entity.id
_entity.type
_entity.pdbx_description
1 polymer Galectin
2 branched beta-D-galactopyranose-(1-3)-2-acetamido-2-deoxy-beta-D-glucopyranose-(1-3)-beta-D-galactopyranose-(1-4)-beta-D-glucopyranose
3 water water
#
_entity_poly.entity_id   1
_entity_poly.type   'polypeptide(L)'
_entity_poly.pdbx_seq_one_letter_code
;HHHHHHMATETNYPVPYRSKLTEPFEPGQTLIIKGKTAEDSVRFTINLHNTSADFSGNDVPLHISVRFDEGKIVFNTFSK
GEWGKEERKSNPYKKGDDIDIRIRAHDSKFSISVDQKEVKEYEHRVPLSSVTHFSVDGDILITYIHWGGKYYPVPYESGL
AGDGLAPGKSLLIFATPEKKGKRFHINLLKKNGDIALHFNPRFDEKAIVRNSLISGEWGNEEREGKNPLEKGIGCDLEFR
NEEYAFQIYVDGERFATYAHRLDPHDINGLQIGGDVEVTGIQMV
;
_entity_poly.pdbx_strand_id   A,B
#
# COMPACT_ATOMS: atom_id res chain seq x y z
N MET A 7 7.53 -3.76 28.44
CA MET A 7 8.33 -2.85 29.31
C MET A 7 8.51 -1.48 28.64
N ALA A 8 9.47 -0.72 29.15
CA ALA A 8 9.77 0.61 28.61
C ALA A 8 11.03 1.16 29.29
N THR A 9 10.90 1.51 30.56
CA THR A 9 12.02 2.05 31.34
C THR A 9 11.89 1.57 32.78
N GLU A 10 13.02 1.29 33.42
CA GLU A 10 13.02 0.84 34.81
C GLU A 10 12.31 1.90 35.65
N THR A 11 13.02 2.99 35.94
CA THR A 11 12.49 4.10 36.72
C THR A 11 11.56 3.73 37.88
N ASN A 12 10.59 4.60 38.15
CA ASN A 12 9.65 4.41 39.24
C ASN A 12 8.64 3.29 39.04
N TYR A 13 8.05 2.85 40.16
CA TYR A 13 7.04 1.79 40.20
C TYR A 13 7.10 0.74 39.11
N PRO A 14 8.15 -0.09 39.10
CA PRO A 14 8.23 -1.14 38.07
C PRO A 14 7.23 -2.26 38.36
N VAL A 15 6.57 -2.77 37.32
CA VAL A 15 5.60 -3.84 37.51
C VAL A 15 6.27 -5.20 37.38
N PRO A 16 5.79 -6.21 38.12
CA PRO A 16 4.67 -6.16 39.06
C PRO A 16 4.90 -5.20 40.22
N TYR A 17 3.93 -4.33 40.49
CA TYR A 17 4.04 -3.40 41.60
C TYR A 17 3.20 -3.90 42.78
N ARG A 18 3.78 -3.81 43.98
CA ARG A 18 3.11 -4.26 45.19
C ARG A 18 3.47 -3.30 46.32
N SER A 19 2.46 -2.87 47.07
CA SER A 19 2.68 -1.96 48.18
C SER A 19 1.85 -2.38 49.39
N LYS A 20 2.51 -2.48 50.54
CA LYS A 20 1.83 -2.84 51.77
C LYS A 20 1.46 -1.53 52.44
N LEU A 21 0.16 -1.28 52.59
CA LEU A 21 -0.31 -0.04 53.19
C LEU A 21 0.19 0.15 54.61
N THR A 22 0.40 1.41 54.98
CA THR A 22 0.86 1.79 56.32
C THR A 22 -0.26 1.48 57.30
N GLU A 23 -1.47 1.84 56.90
CA GLU A 23 -2.67 1.60 57.69
C GLU A 23 -3.77 1.21 56.73
N PRO A 24 -4.75 0.43 57.20
CA PRO A 24 -5.86 0.00 56.35
C PRO A 24 -6.49 1.13 55.54
N PHE A 25 -7.11 0.75 54.42
CA PHE A 25 -7.77 1.70 53.51
C PHE A 25 -9.05 2.14 54.22
N GLU A 26 -9.26 3.43 54.36
CA GLU A 26 -10.46 3.92 55.03
C GLU A 26 -11.39 4.80 54.22
N PRO A 27 -12.67 4.85 54.60
CA PRO A 27 -13.64 5.68 53.89
C PRO A 27 -13.07 7.10 53.78
N GLY A 28 -13.18 7.70 52.60
CA GLY A 28 -12.67 9.05 52.41
C GLY A 28 -11.31 9.13 51.74
N GLN A 29 -10.60 8.00 51.67
CA GLN A 29 -9.28 7.94 51.06
C GLN A 29 -9.36 7.55 49.58
N THR A 30 -8.41 8.05 48.80
CA THR A 30 -8.37 7.77 47.37
C THR A 30 -7.02 7.21 46.93
N LEU A 31 -7.06 6.19 46.07
CA LEU A 31 -5.86 5.59 45.49
C LEU A 31 -5.85 6.06 44.05
N ILE A 32 -4.79 6.79 43.68
CA ILE A 32 -4.66 7.32 42.33
C ILE A 32 -3.59 6.54 41.57
N ILE A 33 -3.94 6.03 40.40
CA ILE A 33 -3.00 5.27 39.57
C ILE A 33 -2.95 5.88 38.17
N LYS A 34 -1.77 6.33 37.76
CA LYS A 34 -1.60 6.90 36.43
C LYS A 34 -0.52 6.11 35.71
N GLY A 35 -0.65 5.97 34.39
CA GLY A 35 0.34 5.21 33.65
C GLY A 35 0.24 5.36 32.14
N LYS A 36 1.14 4.66 31.44
CA LYS A 36 1.21 4.67 29.98
C LYS A 36 1.03 3.27 29.46
N THR A 37 0.39 3.13 28.30
CA THR A 37 0.22 1.82 27.69
C THR A 37 0.86 1.87 26.31
N ALA A 38 1.01 0.72 25.67
CA ALA A 38 1.61 0.66 24.35
C ALA A 38 0.59 0.21 23.30
N GLU A 39 0.92 0.39 22.03
CA GLU A 39 0.03 0.00 20.96
C GLU A 39 -0.24 -1.48 20.97
N ASP A 40 0.57 -2.24 21.70
CA ASP A 40 0.39 -3.68 21.77
C ASP A 40 -0.05 -4.14 23.17
N SER A 41 -0.31 -3.19 24.06
CA SER A 41 -0.76 -3.53 25.41
C SER A 41 -2.08 -4.28 25.26
N VAL A 42 -2.27 -5.34 26.03
CA VAL A 42 -3.49 -6.13 25.95
C VAL A 42 -4.37 -5.91 27.18
N ARG A 43 -3.75 -5.88 28.35
CA ARG A 43 -4.49 -5.67 29.59
C ARG A 43 -3.58 -5.44 30.79
N PHE A 44 -4.15 -4.86 31.85
CA PHE A 44 -3.43 -4.65 33.10
C PHE A 44 -4.45 -4.70 34.23
N THR A 45 -3.95 -4.89 35.45
CA THR A 45 -4.85 -5.00 36.59
C THR A 45 -4.46 -4.15 37.78
N ILE A 46 -5.46 -3.76 38.55
CA ILE A 46 -5.27 -2.99 39.77
C ILE A 46 -6.01 -3.77 40.85
N ASN A 47 -5.29 -4.19 41.88
CA ASN A 47 -5.92 -4.97 42.93
C ASN A 47 -5.71 -4.44 44.33
N LEU A 48 -6.80 -4.48 45.11
CA LEU A 48 -6.78 -4.07 46.51
C LEU A 48 -6.78 -5.46 47.14
N HIS A 49 -5.61 -5.84 47.64
CA HIS A 49 -5.32 -7.15 48.23
C HIS A 49 -5.41 -7.30 49.74
N ASN A 50 -5.50 -8.57 50.15
CA ASN A 50 -5.56 -8.96 51.54
C ASN A 50 -4.44 -9.99 51.75
N THR A 51 -3.66 -9.79 52.80
CA THR A 51 -2.56 -10.70 53.12
C THR A 51 -1.69 -10.11 54.24
N SER A 52 -0.71 -10.89 54.70
CA SER A 52 0.17 -10.45 55.77
C SER A 52 1.25 -9.48 55.29
N ALA A 53 2.29 -10.01 54.65
CA ALA A 53 3.37 -9.17 54.16
C ALA A 53 3.81 -9.49 52.73
N ASP A 54 3.82 -10.77 52.38
CA ASP A 54 4.22 -11.18 51.04
C ASP A 54 3.43 -12.40 50.57
N PHE A 55 2.67 -13.00 51.48
CA PHE A 55 1.88 -14.18 51.17
C PHE A 55 1.03 -14.02 49.90
N SER A 56 0.05 -13.11 49.96
CA SER A 56 -0.85 -12.85 48.84
C SER A 56 -1.61 -14.12 48.45
N GLY A 57 -2.62 -13.95 47.60
CA GLY A 57 -3.41 -15.09 47.17
C GLY A 57 -4.58 -15.32 48.11
N ASN A 58 -4.78 -14.38 49.02
CA ASN A 58 -5.86 -14.48 49.98
C ASN A 58 -7.08 -13.80 49.36
N ASP A 59 -7.68 -12.85 50.09
CA ASP A 59 -8.84 -12.15 49.58
C ASP A 59 -8.48 -10.93 48.74
N VAL A 60 -9.32 -10.66 47.74
CA VAL A 60 -9.14 -9.51 46.87
C VAL A 60 -10.48 -8.75 46.88
N PRO A 61 -10.69 -7.89 47.89
CA PRO A 61 -11.92 -7.11 48.01
C PRO A 61 -12.34 -6.44 46.70
N LEU A 62 -11.37 -5.91 45.97
CA LEU A 62 -11.63 -5.27 44.69
C LEU A 62 -10.55 -5.59 43.66
N HIS A 63 -10.97 -6.23 42.57
CA HIS A 63 -10.09 -6.59 41.48
C HIS A 63 -10.57 -5.80 40.27
N ILE A 64 -9.67 -5.03 39.68
CA ILE A 64 -10.00 -4.23 38.50
C ILE A 64 -9.16 -4.71 37.32
N SER A 65 -9.83 -5.05 36.23
CA SER A 65 -9.17 -5.51 35.02
C SER A 65 -9.53 -4.63 33.83
N VAL A 66 -8.54 -3.93 33.29
CA VAL A 66 -8.75 -3.07 32.14
C VAL A 66 -8.31 -3.88 30.93
N ARG A 67 -9.27 -4.19 30.09
CA ARG A 67 -9.00 -5.03 28.93
C ARG A 67 -9.11 -4.30 27.60
N PHE A 68 -8.01 -4.26 26.86
CA PHE A 68 -7.98 -3.62 25.57
C PHE A 68 -8.54 -4.54 24.49
N ASP A 69 -8.41 -5.85 24.69
CA ASP A 69 -8.96 -6.79 23.72
C ASP A 69 -10.48 -6.74 23.79
N GLU A 70 -11.01 -6.91 24.99
CA GLU A 70 -12.46 -6.90 25.23
C GLU A 70 -13.03 -5.48 25.15
N GLY A 71 -12.19 -4.49 25.37
CA GLY A 71 -12.65 -3.11 25.35
C GLY A 71 -13.55 -2.83 26.55
N LYS A 72 -13.18 -3.39 27.70
CA LYS A 72 -13.98 -3.23 28.92
C LYS A 72 -13.13 -3.14 30.18
N ILE A 73 -13.70 -2.54 31.23
CA ILE A 73 -13.04 -2.47 32.54
C ILE A 73 -13.94 -3.39 33.37
N VAL A 74 -13.35 -4.45 33.89
CA VAL A 74 -14.09 -5.45 34.65
C VAL A 74 -13.73 -5.47 36.13
N PHE A 75 -14.76 -5.46 36.98
CA PHE A 75 -14.58 -5.46 38.43
C PHE A 75 -15.11 -6.74 39.07
N ASN A 76 -14.44 -7.23 40.11
CA ASN A 76 -14.90 -8.43 40.78
C ASN A 76 -14.25 -8.54 42.15
N THR A 77 -14.65 -9.56 42.89
CA THR A 77 -14.08 -9.80 44.22
C THR A 77 -13.74 -11.27 44.34
N PHE A 78 -12.62 -11.55 45.00
CA PHE A 78 -12.20 -12.92 45.24
C PHE A 78 -12.15 -13.08 46.75
N SER A 79 -12.85 -14.08 47.27
CA SER A 79 -12.88 -14.33 48.71
C SER A 79 -13.27 -15.77 49.00
N LYS A 80 -12.72 -16.32 50.07
CA LYS A 80 -13.01 -17.70 50.45
C LYS A 80 -12.73 -18.65 49.29
N GLY A 81 -11.63 -18.40 48.58
CA GLY A 81 -11.24 -19.26 47.47
C GLY A 81 -12.04 -19.19 46.19
N GLU A 82 -12.91 -18.20 46.05
CA GLU A 82 -13.70 -18.12 44.84
C GLU A 82 -14.07 -16.72 44.38
N TRP A 83 -14.25 -16.58 43.07
CA TRP A 83 -14.60 -15.30 42.46
C TRP A 83 -16.10 -15.13 42.40
N GLY A 84 -16.54 -13.87 42.48
CA GLY A 84 -17.96 -13.58 42.40
C GLY A 84 -18.33 -13.31 40.94
N LYS A 85 -19.45 -12.65 40.73
CA LYS A 85 -19.89 -12.32 39.37
C LYS A 85 -19.27 -11.01 38.93
N GLU A 86 -18.65 -11.00 37.76
CA GLU A 86 -18.02 -9.79 37.25
C GLU A 86 -19.03 -8.71 36.86
N GLU A 87 -18.64 -7.45 37.04
CA GLU A 87 -19.46 -6.30 36.68
C GLU A 87 -18.60 -5.52 35.68
N ARG A 88 -19.20 -5.10 34.57
CA ARG A 88 -18.45 -4.39 33.53
C ARG A 88 -18.90 -2.99 33.16
N LYS A 89 -17.94 -2.24 32.62
CA LYS A 89 -18.15 -0.89 32.13
C LYS A 89 -17.29 -0.82 30.87
N SER A 90 -17.60 0.10 29.98
CA SER A 90 -16.79 0.20 28.76
C SER A 90 -15.42 0.80 29.07
N ASN A 91 -14.41 0.33 28.34
CA ASN A 91 -13.04 0.82 28.48
C ASN A 91 -12.96 1.98 27.50
N PRO A 92 -12.71 3.20 27.98
CA PRO A 92 -12.65 4.35 27.06
C PRO A 92 -11.29 4.49 26.39
N TYR A 93 -10.31 3.73 26.87
CA TYR A 93 -8.96 3.80 26.34
C TYR A 93 -8.66 2.87 25.18
N LYS A 94 -7.86 3.37 24.24
CA LYS A 94 -7.44 2.57 23.09
C LYS A 94 -5.99 2.23 23.39
N LYS A 95 -5.49 1.13 22.84
CA LYS A 95 -4.11 0.73 23.06
C LYS A 95 -3.24 1.94 22.80
N GLY A 96 -2.43 2.30 23.79
CA GLY A 96 -1.60 3.47 23.67
C GLY A 96 -2.32 4.52 24.50
N ASP A 97 -1.78 5.73 24.57
CA ASP A 97 -2.38 6.80 25.36
C ASP A 97 -2.48 6.43 26.85
N ASP A 98 -2.29 7.45 27.67
CA ASP A 98 -2.26 7.31 29.12
C ASP A 98 -3.57 6.96 29.82
N ILE A 99 -3.45 6.37 31.00
CA ILE A 99 -4.61 6.00 31.79
C ILE A 99 -4.56 6.73 33.12
N ASP A 100 -5.73 6.98 33.70
CA ASP A 100 -5.83 7.68 34.97
C ASP A 100 -7.03 7.09 35.68
N ILE A 101 -6.77 6.19 36.61
CA ILE A 101 -7.83 5.53 37.35
C ILE A 101 -7.70 5.83 38.85
N ARG A 102 -8.78 6.32 39.44
CA ARG A 102 -8.79 6.66 40.86
C ARG A 102 -9.90 5.90 41.59
N ILE A 103 -9.53 5.34 42.73
CA ILE A 103 -10.45 4.56 43.54
C ILE A 103 -10.63 5.20 44.91
N ARG A 104 -11.84 5.71 45.19
CA ARG A 104 -12.12 6.31 46.48
C ARG A 104 -13.02 5.40 47.32
N ALA A 105 -12.57 5.08 48.53
CA ALA A 105 -13.35 4.22 49.41
C ALA A 105 -14.37 5.03 50.20
N HIS A 106 -15.55 4.45 50.40
CA HIS A 106 -16.63 5.06 51.17
C HIS A 106 -17.08 3.92 52.10
N ASP A 107 -18.07 4.16 52.97
CA ASP A 107 -18.48 3.10 53.87
C ASP A 107 -19.34 2.01 53.27
N SER A 108 -19.88 2.23 52.07
CA SER A 108 -20.72 1.19 51.47
C SER A 108 -20.26 0.75 50.09
N LYS A 109 -19.28 1.44 49.53
CA LYS A 109 -18.81 1.14 48.17
C LYS A 109 -17.46 1.78 47.88
N PHE A 110 -16.94 1.49 46.69
CA PHE A 110 -15.70 2.08 46.17
C PHE A 110 -16.24 2.88 45.00
N SER A 111 -15.75 4.10 44.81
CA SER A 111 -16.18 4.90 43.67
C SER A 111 -14.97 4.99 42.75
N ILE A 112 -15.10 4.46 41.54
CA ILE A 112 -13.99 4.49 40.60
C ILE A 112 -14.20 5.49 39.46
N SER A 113 -13.19 6.33 39.27
CA SER A 113 -13.25 7.34 38.21
C SER A 113 -12.16 7.04 37.18
N VAL A 114 -12.48 7.28 35.91
CA VAL A 114 -11.54 7.09 34.81
C VAL A 114 -11.41 8.45 34.14
N ASP A 115 -10.19 8.97 34.10
CA ASP A 115 -9.94 10.30 33.54
C ASP A 115 -10.73 11.32 34.36
N GLN A 116 -10.80 11.08 35.66
CA GLN A 116 -11.49 11.95 36.61
C GLN A 116 -13.01 11.98 36.47
N LYS A 117 -13.54 11.06 35.69
CA LYS A 117 -14.99 10.97 35.51
C LYS A 117 -15.48 9.71 36.22
N GLU A 118 -16.47 9.86 37.09
CA GLU A 118 -17.03 8.74 37.81
C GLU A 118 -17.66 7.75 36.84
N VAL A 119 -17.19 6.51 36.82
CA VAL A 119 -17.75 5.51 35.91
C VAL A 119 -18.32 4.29 36.62
N LYS A 120 -17.93 4.07 37.86
CA LYS A 120 -18.43 2.90 38.56
C LYS A 120 -18.53 3.01 40.08
N GLU A 121 -19.61 2.47 40.60
CA GLU A 121 -19.85 2.39 42.04
C GLU A 121 -19.91 0.90 42.29
N TYR A 122 -18.93 0.39 43.04
CA TYR A 122 -18.83 -1.03 43.36
C TYR A 122 -19.10 -1.20 44.85
N GLU A 123 -20.25 -1.77 45.18
CA GLU A 123 -20.63 -1.99 46.57
C GLU A 123 -19.70 -3.02 47.20
N HIS A 124 -19.35 -2.81 48.47
CA HIS A 124 -18.46 -3.72 49.18
C HIS A 124 -19.09 -5.10 49.28
N ARG A 125 -18.33 -6.14 48.97
CA ARG A 125 -18.84 -7.49 49.06
C ARG A 125 -18.19 -8.15 50.28
N VAL A 126 -17.00 -7.67 50.63
CA VAL A 126 -16.27 -8.16 51.79
C VAL A 126 -15.73 -6.93 52.50
N PRO A 127 -15.29 -7.08 53.77
CA PRO A 127 -14.77 -5.94 54.52
C PRO A 127 -13.68 -5.10 53.86
N LEU A 128 -13.94 -3.80 53.81
CA LEU A 128 -12.97 -2.85 53.25
C LEU A 128 -11.71 -2.92 54.12
N SER A 129 -11.90 -3.21 55.41
CA SER A 129 -10.80 -3.28 56.35
C SER A 129 -9.87 -4.46 56.08
N SER A 130 -10.26 -5.37 55.19
CA SER A 130 -9.39 -6.50 54.89
C SER A 130 -8.36 -6.12 53.83
N VAL A 131 -8.50 -4.94 53.25
CA VAL A 131 -7.54 -4.46 52.25
C VAL A 131 -6.27 -4.01 52.99
N THR A 132 -5.18 -4.74 52.77
CA THR A 132 -3.91 -4.42 53.43
C THR A 132 -2.80 -4.08 52.44
N HIS A 133 -3.02 -4.43 51.19
CA HIS A 133 -2.04 -4.17 50.13
C HIS A 133 -2.77 -3.83 48.84
N PHE A 134 -2.05 -3.24 47.90
CA PHE A 134 -2.60 -2.97 46.59
C PHE A 134 -1.50 -3.26 45.60
N SER A 135 -1.86 -3.79 44.44
CA SER A 135 -0.87 -4.10 43.43
C SER A 135 -1.37 -3.73 42.05
N VAL A 136 -0.41 -3.47 41.16
CA VAL A 136 -0.68 -3.13 39.77
C VAL A 136 0.24 -4.02 38.94
N ASP A 137 -0.28 -4.60 37.87
CA ASP A 137 0.53 -5.47 37.02
C ASP A 137 -0.07 -5.52 35.63
N GLY A 138 0.73 -5.96 34.66
CA GLY A 138 0.25 -6.06 33.29
C GLY A 138 0.91 -5.10 32.31
N ASP A 139 0.25 -4.89 31.18
CA ASP A 139 0.76 -4.03 30.13
C ASP A 139 0.57 -2.54 30.41
N ILE A 140 1.31 -2.04 31.39
CA ILE A 140 1.24 -0.65 31.76
C ILE A 140 2.55 -0.19 32.36
N LEU A 141 2.90 1.07 32.09
CA LEU A 141 4.10 1.69 32.64
C LEU A 141 3.58 2.71 33.63
N ILE A 142 3.68 2.40 34.93
CA ILE A 142 3.17 3.30 35.96
C ILE A 142 4.01 4.58 36.06
N THR A 143 3.34 5.72 36.07
CA THR A 143 4.03 7.00 36.17
C THR A 143 3.68 7.78 37.44
N TYR A 144 2.65 7.35 38.16
CA TYR A 144 2.23 8.02 39.39
C TYR A 144 1.28 7.17 40.21
N ILE A 145 1.58 7.06 41.49
CA ILE A 145 0.75 6.31 42.42
C ILE A 145 0.71 7.09 43.72
N HIS A 146 -0.47 7.23 44.29
CA HIS A 146 -0.63 7.96 45.54
C HIS A 146 -1.92 7.54 46.22
N TRP A 147 -1.83 7.32 47.52
CA TRP A 147 -3.01 6.95 48.29
C TRP A 147 -3.06 7.82 49.54
N GLY A 148 -4.19 8.49 49.75
CA GLY A 148 -4.33 9.35 50.90
C GLY A 148 -5.59 10.17 50.82
N GLY A 149 -5.61 11.30 51.50
CA GLY A 149 -6.80 12.14 51.49
C GLY A 149 -7.74 11.68 52.58
N LYS A 150 -8.91 12.31 52.66
CA LYS A 150 -9.91 11.97 53.66
C LYS A 150 -11.14 12.77 53.26
N TYR A 151 -12.14 12.77 54.13
CA TYR A 151 -13.34 13.55 53.86
C TYR A 151 -13.01 14.94 54.40
N TYR A 152 -12.67 15.85 53.48
CA TYR A 152 -12.33 17.21 53.86
C TYR A 152 -13.61 18.03 53.93
N PRO A 153 -13.94 18.55 55.11
CA PRO A 153 -15.15 19.36 55.24
C PRO A 153 -14.97 20.70 54.54
N VAL A 154 -16.01 21.17 53.85
CA VAL A 154 -15.94 22.45 53.15
C VAL A 154 -17.17 23.29 53.53
N PRO A 155 -16.98 24.57 53.90
CA PRO A 155 -15.76 25.36 54.01
C PRO A 155 -14.63 24.66 54.77
N TYR A 156 -13.41 24.85 54.29
CA TYR A 156 -12.24 24.24 54.90
C TYR A 156 -11.24 25.32 55.26
N GLU A 157 -10.48 25.09 56.33
CA GLU A 157 -9.44 26.04 56.73
C GLU A 157 -8.38 25.34 57.57
N SER A 158 -7.13 25.65 57.30
CA SER A 158 -6.04 25.06 58.06
C SER A 158 -4.75 25.82 57.80
N GLY A 159 -3.78 25.63 58.68
CA GLY A 159 -2.50 26.28 58.52
C GLY A 159 -1.67 25.43 57.60
N LEU A 160 -0.59 26.00 57.07
CA LEU A 160 0.29 25.24 56.19
C LEU A 160 1.65 25.07 56.83
N ALA A 161 2.00 23.83 57.14
CA ALA A 161 3.28 23.47 57.76
C ALA A 161 3.81 24.56 58.69
N GLY A 162 5.13 24.68 58.72
CA GLY A 162 5.76 25.70 59.54
C GLY A 162 6.33 26.73 58.58
N ASP A 163 6.81 26.22 57.46
CA ASP A 163 7.40 27.06 56.41
C ASP A 163 6.30 27.49 55.45
N GLY A 164 5.22 26.72 55.41
CA GLY A 164 4.10 27.04 54.54
C GLY A 164 4.44 26.92 53.07
N LEU A 165 3.63 27.58 52.22
CA LEU A 165 3.85 27.55 50.79
C LEU A 165 4.85 28.64 50.45
N ALA A 166 6.07 28.25 50.09
CA ALA A 166 7.11 29.21 49.75
C ALA A 166 7.63 28.94 48.35
N PRO A 167 8.37 29.90 47.77
CA PRO A 167 8.89 29.66 46.42
C PRO A 167 9.65 28.33 46.44
N GLY A 168 9.48 27.54 45.38
CA GLY A 168 10.15 26.26 45.34
C GLY A 168 9.24 25.15 45.82
N LYS A 169 8.11 25.54 46.41
CA LYS A 169 7.14 24.56 46.90
C LYS A 169 5.82 24.69 46.15
N SER A 170 4.96 23.69 46.28
CA SER A 170 3.66 23.74 45.62
C SER A 170 2.60 23.06 46.47
N LEU A 171 1.40 23.63 46.44
CA LEU A 171 0.29 23.08 47.17
C LEU A 171 -0.55 22.32 46.15
N LEU A 172 -0.76 21.04 46.40
CA LEU A 172 -1.55 20.22 45.49
C LEU A 172 -2.92 19.99 46.10
N ILE A 173 -3.96 20.31 45.34
CA ILE A 173 -5.31 20.12 45.81
C ILE A 173 -6.11 19.34 44.78
N PHE A 174 -6.71 18.24 45.21
CA PHE A 174 -7.53 17.40 44.35
C PHE A 174 -8.96 17.66 44.75
N ALA A 175 -9.77 18.12 43.82
CA ALA A 175 -11.15 18.43 44.10
C ALA A 175 -12.06 18.13 42.93
N THR A 176 -13.36 18.19 43.18
CA THR A 176 -14.35 17.93 42.15
C THR A 176 -15.40 19.01 42.27
N PRO A 177 -15.52 19.89 41.27
CA PRO A 177 -16.54 20.94 41.36
C PRO A 177 -17.91 20.28 41.40
N GLU A 178 -18.80 20.77 42.26
CA GLU A 178 -20.13 20.17 42.37
C GLU A 178 -20.90 20.21 41.06
N LYS A 179 -21.63 19.14 40.78
CA LYS A 179 -22.40 18.99 39.55
C LYS A 179 -23.32 20.16 39.25
N LYS A 180 -23.94 20.70 40.29
CA LYS A 180 -24.85 21.84 40.14
C LYS A 180 -24.26 23.09 40.79
N GLY A 181 -22.94 23.08 40.95
CA GLY A 181 -22.26 24.20 41.57
C GLY A 181 -22.15 25.41 40.67
N LYS A 182 -22.08 26.59 41.29
CA LYS A 182 -21.98 27.83 40.54
C LYS A 182 -20.55 28.35 40.63
N ARG A 183 -19.93 28.17 41.79
CA ARG A 183 -18.55 28.60 41.99
C ARG A 183 -17.96 28.16 43.33
N PHE A 184 -16.64 28.21 43.42
CA PHE A 184 -15.93 27.87 44.63
C PHE A 184 -14.65 28.67 44.62
N HIS A 185 -13.91 28.63 45.72
CA HIS A 185 -12.66 29.38 45.78
C HIS A 185 -11.62 28.73 46.67
N ILE A 186 -10.38 29.15 46.50
CA ILE A 186 -9.28 28.65 47.29
C ILE A 186 -8.43 29.86 47.64
N ASN A 187 -8.21 30.07 48.93
CA ASN A 187 -7.41 31.19 49.37
C ASN A 187 -6.09 30.75 49.99
N LEU A 188 -5.02 31.42 49.56
CA LEU A 188 -3.69 31.17 50.06
C LEU A 188 -3.43 32.44 50.87
N LEU A 189 -3.40 32.30 52.19
CA LEU A 189 -3.25 33.45 53.07
C LEU A 189 -1.97 33.66 53.85
N LYS A 190 -1.83 34.89 54.34
CA LYS A 190 -0.70 35.32 55.16
C LYS A 190 -1.19 35.31 56.61
N LYS A 191 -0.27 35.47 57.55
CA LYS A 191 -0.61 35.45 58.97
C LYS A 191 -1.64 36.50 59.40
N ASN A 192 -1.64 37.66 58.75
CA ASN A 192 -2.56 38.72 59.13
C ASN A 192 -3.94 38.66 58.47
N GLY A 193 -4.18 37.63 57.66
CA GLY A 193 -5.46 37.52 57.02
C GLY A 193 -5.49 37.99 55.58
N ASP A 194 -4.41 38.63 55.12
CA ASP A 194 -4.38 39.07 53.73
C ASP A 194 -4.32 37.83 52.83
N ILE A 195 -4.99 37.87 51.70
CA ILE A 195 -4.96 36.74 50.79
C ILE A 195 -3.95 37.01 49.68
N ALA A 196 -2.86 36.25 49.67
CA ALA A 196 -1.83 36.39 48.66
C ALA A 196 -2.44 36.01 47.31
N LEU A 197 -3.21 34.93 47.31
CA LEU A 197 -3.85 34.47 46.08
C LEU A 197 -5.24 33.91 46.33
N HIS A 198 -6.20 34.50 45.62
CA HIS A 198 -7.60 34.10 45.66
C HIS A 198 -7.86 33.46 44.29
N PHE A 199 -8.07 32.15 44.29
CA PHE A 199 -8.33 31.36 43.07
C PHE A 199 -9.85 31.08 43.11
N ASN A 200 -10.59 31.67 42.18
CA ASN A 200 -12.04 31.58 42.19
C ASN A 200 -12.74 31.21 40.86
N PRO A 201 -12.92 29.91 40.61
CA PRO A 201 -13.59 29.48 39.36
C PRO A 201 -15.07 29.86 39.41
N ARG A 202 -15.56 30.45 38.32
CA ARG A 202 -16.96 30.85 38.23
C ARG A 202 -17.54 30.28 36.94
N PHE A 203 -18.22 29.14 37.05
CA PHE A 203 -18.82 28.49 35.90
C PHE A 203 -19.93 29.32 35.27
N ASP A 204 -20.50 30.23 36.04
CA ASP A 204 -21.56 31.09 35.54
C ASP A 204 -21.01 32.16 34.60
N GLU A 205 -19.80 32.64 34.91
CA GLU A 205 -19.16 33.66 34.10
C GLU A 205 -18.12 33.03 33.17
N LYS A 206 -18.03 31.71 33.22
CA LYS A 206 -17.09 30.96 32.38
C LYS A 206 -15.67 31.50 32.47
N ALA A 207 -15.17 31.66 33.69
CA ALA A 207 -13.83 32.16 33.90
C ALA A 207 -13.36 31.92 35.32
N ILE A 208 -12.05 31.96 35.53
CA ILE A 208 -11.48 31.77 36.86
C ILE A 208 -10.86 33.09 37.29
N VAL A 209 -11.47 33.72 38.28
CA VAL A 209 -10.98 34.99 38.78
C VAL A 209 -9.84 34.81 39.78
N ARG A 210 -8.75 35.56 39.58
CA ARG A 210 -7.61 35.52 40.47
C ARG A 210 -7.46 36.94 41.02
N ASN A 211 -7.23 37.06 42.32
CA ASN A 211 -7.10 38.37 42.95
C ASN A 211 -6.37 38.24 44.28
N SER A 212 -6.13 39.37 44.93
CA SER A 212 -5.47 39.41 46.22
C SER A 212 -6.29 40.28 47.15
N LEU A 213 -6.28 39.96 48.44
CA LEU A 213 -6.99 40.74 49.45
C LEU A 213 -5.92 41.33 50.37
N ILE A 214 -5.68 42.63 50.24
CA ILE A 214 -4.66 43.29 51.05
C ILE A 214 -5.31 44.38 51.91
N SER A 215 -5.14 44.25 53.23
CA SER A 215 -5.71 45.21 54.16
C SER A 215 -7.21 45.35 53.92
N GLY A 216 -7.88 44.22 53.77
CA GLY A 216 -9.32 44.23 53.56
C GLY A 216 -9.80 44.73 52.21
N GLU A 217 -8.87 45.00 51.29
CA GLU A 217 -9.26 45.48 49.97
C GLU A 217 -8.88 44.51 48.86
N TRP A 218 -9.83 44.28 47.94
CA TRP A 218 -9.60 43.40 46.80
C TRP A 218 -8.84 44.18 45.74
N GLY A 219 -7.94 43.50 45.05
CA GLY A 219 -7.15 44.15 44.01
C GLY A 219 -7.77 44.13 42.63
N ASN A 220 -6.93 44.39 41.64
CA ASN A 220 -7.34 44.44 40.24
C ASN A 220 -8.35 43.36 39.84
N GLU A 221 -7.87 42.13 39.70
CA GLU A 221 -8.68 40.97 39.31
C GLU A 221 -8.26 40.48 37.92
N GLU A 222 -7.67 39.30 37.89
CA GLU A 222 -7.21 38.73 36.64
C GLU A 222 -8.04 37.51 36.22
N ARG A 223 -8.64 37.62 35.04
CA ARG A 223 -9.44 36.53 34.49
C ARG A 223 -8.71 36.01 33.25
N GLU A 224 -9.41 35.84 32.14
CA GLU A 224 -8.77 35.33 30.92
C GLU A 224 -8.17 33.95 31.13
N GLY A 225 -8.59 33.00 30.30
CA GLY A 225 -8.09 31.64 30.42
C GLY A 225 -8.94 30.57 29.78
N LYS A 226 -10.27 30.75 29.81
CA LYS A 226 -11.22 29.80 29.22
C LYS A 226 -11.81 28.81 30.23
N ASN A 227 -11.15 28.66 31.37
CA ASN A 227 -11.60 27.74 32.41
C ASN A 227 -11.60 26.29 31.93
N PRO A 228 -10.59 25.53 32.35
CA PRO A 228 -10.45 24.12 31.95
C PRO A 228 -11.21 23.19 32.90
N LEU A 229 -11.94 23.76 33.86
CA LEU A 229 -12.69 22.95 34.83
C LEU A 229 -14.10 22.66 34.33
N GLU A 230 -14.69 21.58 34.84
CA GLU A 230 -16.04 21.19 34.44
C GLU A 230 -16.81 20.61 35.63
N LYS A 231 -18.06 21.03 35.79
CA LYS A 231 -18.88 20.56 36.89
C LYS A 231 -18.94 19.03 36.91
N GLY A 232 -18.75 18.47 38.10
CA GLY A 232 -18.81 17.03 38.27
C GLY A 232 -17.58 16.25 37.84
N ILE A 233 -16.58 16.94 37.29
CA ILE A 233 -15.36 16.26 36.86
C ILE A 233 -14.19 16.56 37.80
N GLY A 234 -13.46 15.52 38.20
CA GLY A 234 -12.33 15.70 39.09
C GLY A 234 -11.23 16.55 38.47
N CYS A 235 -10.49 17.27 39.31
CA CYS A 235 -9.41 18.10 38.81
C CYS A 235 -8.21 18.05 39.73
N ASP A 236 -7.03 18.34 39.18
CA ASP A 236 -5.80 18.37 39.93
C ASP A 236 -5.29 19.80 39.86
N LEU A 237 -5.31 20.48 40.99
CA LEU A 237 -4.86 21.85 41.03
C LEU A 237 -3.49 21.92 41.69
N GLU A 238 -2.57 22.65 41.08
CA GLU A 238 -1.24 22.80 41.64
C GLU A 238 -0.89 24.27 41.67
N PHE A 239 -0.62 24.75 42.87
CA PHE A 239 -0.22 26.13 43.07
C PHE A 239 1.27 26.09 43.29
N ARG A 240 1.99 26.26 42.19
CA ARG A 240 3.45 26.23 42.16
C ARG A 240 3.97 27.64 42.47
N ASN A 241 4.47 27.81 43.69
CA ASN A 241 4.99 29.11 44.10
C ASN A 241 6.42 29.31 43.61
N GLU A 242 6.62 30.37 42.85
CA GLU A 242 7.93 30.67 42.31
C GLU A 242 8.41 32.07 42.72
N GLU A 243 9.64 32.39 42.34
CA GLU A 243 10.24 33.67 42.68
C GLU A 243 9.40 34.89 42.32
N TYR A 244 8.89 34.93 41.10
CA TYR A 244 8.14 36.10 40.65
C TYR A 244 6.65 35.94 40.53
N ALA A 245 6.17 34.70 40.53
CA ALA A 245 4.72 34.50 40.38
C ALA A 245 4.29 33.10 40.73
N PHE A 246 2.99 32.95 40.92
CA PHE A 246 2.40 31.65 41.19
C PHE A 246 2.16 31.07 39.80
N GLN A 247 2.56 29.82 39.60
CA GLN A 247 2.31 29.15 38.33
C GLN A 247 1.14 28.23 38.67
N ILE A 248 -0.04 28.57 38.16
CA ILE A 248 -1.24 27.79 38.45
C ILE A 248 -1.52 26.70 37.43
N TYR A 249 -1.25 25.45 37.82
CA TYR A 249 -1.48 24.31 36.96
C TYR A 249 -2.80 23.61 37.22
N VAL A 250 -3.52 23.34 36.14
CA VAL A 250 -4.80 22.66 36.22
C VAL A 250 -4.70 21.40 35.34
N ASP A 251 -4.86 20.25 35.97
CA ASP A 251 -4.79 18.97 35.27
C ASP A 251 -3.54 18.83 34.41
N GLY A 252 -2.39 19.16 35.00
CA GLY A 252 -1.12 19.04 34.29
C GLY A 252 -0.75 20.13 33.31
N GLU A 253 -1.66 21.07 33.03
CA GLU A 253 -1.37 22.14 32.08
C GLU A 253 -1.36 23.49 32.80
N ARG A 254 -0.41 24.36 32.45
CA ARG A 254 -0.32 25.68 33.07
C ARG A 254 -1.51 26.51 32.66
N PHE A 255 -2.43 26.75 33.58
CA PHE A 255 -3.61 27.54 33.29
C PHE A 255 -3.33 29.04 33.36
N ALA A 256 -2.48 29.43 34.30
CA ALA A 256 -2.17 30.84 34.45
C ALA A 256 -0.97 31.14 35.33
N THR A 257 -0.48 32.36 35.22
CA THR A 257 0.64 32.84 36.03
C THR A 257 0.06 34.02 36.79
N TYR A 258 0.47 34.20 38.04
CA TYR A 258 -0.04 35.30 38.84
C TYR A 258 1.10 35.97 39.57
N ALA A 259 1.47 37.16 39.09
CA ALA A 259 2.55 37.93 39.68
C ALA A 259 2.25 38.21 41.14
N HIS A 260 3.22 37.95 42.00
CA HIS A 260 3.07 38.17 43.44
C HIS A 260 2.78 39.62 43.77
N ARG A 261 1.74 39.84 44.58
CA ARG A 261 1.37 41.19 44.96
C ARG A 261 1.83 41.37 46.40
N LEU A 262 1.96 40.25 47.10
CA LEU A 262 2.44 40.25 48.46
C LEU A 262 3.72 39.43 48.48
N ASP A 263 4.64 39.81 49.35
CA ASP A 263 5.89 39.10 49.48
C ASP A 263 5.62 37.60 49.58
N PRO A 264 6.30 36.79 48.78
CA PRO A 264 6.04 35.36 48.89
C PRO A 264 6.47 34.99 50.30
N HIS A 265 6.82 33.73 50.53
CA HIS A 265 7.23 33.32 51.87
C HIS A 265 6.14 33.61 52.90
N ASP A 266 6.11 32.81 53.95
CA ASP A 266 5.15 32.98 55.01
C ASP A 266 3.68 32.82 54.60
N ILE A 267 3.43 32.11 53.51
CA ILE A 267 2.05 31.86 53.09
C ILE A 267 1.70 30.67 53.97
N ASN A 268 1.17 30.95 55.15
CA ASN A 268 0.86 29.92 56.14
C ASN A 268 -0.60 29.50 56.28
N GLY A 269 -1.49 30.08 55.49
CA GLY A 269 -2.88 29.71 55.63
C GLY A 269 -3.58 29.24 54.36
N LEU A 270 -4.59 28.40 54.55
CA LEU A 270 -5.37 27.87 53.43
C LEU A 270 -6.86 27.85 53.76
N GLN A 271 -7.67 28.34 52.82
CA GLN A 271 -9.11 28.31 52.99
C GLN A 271 -9.69 27.78 51.69
N ILE A 272 -10.72 26.96 51.78
CA ILE A 272 -11.40 26.45 50.59
C ILE A 272 -12.89 26.56 50.86
N GLY A 273 -13.61 27.18 49.94
CA GLY A 273 -15.05 27.34 50.13
C GLY A 273 -15.82 27.28 48.82
N GLY A 274 -17.15 27.35 48.91
CA GLY A 274 -17.97 27.32 47.72
C GLY A 274 -18.52 25.96 47.34
N ASP A 275 -18.99 25.84 46.10
CA ASP A 275 -19.60 24.61 45.60
C ASP A 275 -18.56 23.61 45.10
N VAL A 276 -17.85 22.98 46.03
CA VAL A 276 -16.81 22.02 45.65
C VAL A 276 -16.55 20.95 46.70
N GLU A 277 -16.11 19.79 46.23
CA GLU A 277 -15.78 18.67 47.10
C GLU A 277 -14.26 18.52 47.05
N VAL A 278 -13.63 18.44 48.22
CA VAL A 278 -12.18 18.30 48.27
C VAL A 278 -11.85 16.89 48.70
N THR A 279 -10.98 16.23 47.94
CA THR A 279 -10.60 14.85 48.23
C THR A 279 -9.12 14.64 48.51
N GLY A 280 -8.32 15.69 48.36
CA GLY A 280 -6.90 15.55 48.62
C GLY A 280 -6.17 16.88 48.72
N ILE A 281 -5.29 16.98 49.71
CA ILE A 281 -4.52 18.19 49.91
C ILE A 281 -3.10 17.79 50.33
N GLN A 282 -2.11 18.23 49.56
CA GLN A 282 -0.72 17.93 49.87
C GLN A 282 0.27 19.02 49.48
N MET A 283 1.28 19.19 50.30
CA MET A 283 2.34 20.16 50.06
C MET A 283 3.54 19.39 49.54
N VAL A 284 4.02 19.73 48.35
CA VAL A 284 5.16 19.05 47.74
C VAL A 284 6.28 20.03 47.39
N MET B 7 -1.63 4.10 -25.27
CA MET B 7 -1.18 3.35 -24.07
C MET B 7 -1.94 2.03 -23.92
N ALA B 8 -1.22 0.98 -23.57
CA ALA B 8 -1.80 -0.34 -23.39
C ALA B 8 -0.76 -1.31 -22.83
N THR B 9 -0.29 -1.02 -21.62
CA THR B 9 0.72 -1.83 -20.96
C THR B 9 2.03 -1.81 -21.74
N GLU B 10 2.90 -0.86 -21.38
CA GLU B 10 4.20 -0.70 -22.04
C GLU B 10 4.84 -2.02 -22.43
N THR B 11 5.49 -2.66 -21.47
CA THR B 11 6.15 -3.94 -21.71
C THR B 11 6.97 -3.91 -23.00
N ASN B 12 6.57 -4.73 -23.97
CA ASN B 12 7.26 -4.82 -25.24
C ASN B 12 6.59 -3.96 -26.32
N TYR B 13 7.34 -3.68 -27.37
CA TYR B 13 6.87 -2.88 -28.49
C TYR B 13 6.06 -1.63 -28.10
N PRO B 14 6.52 -0.89 -27.08
CA PRO B 14 5.78 0.31 -26.67
C PRO B 14 5.85 1.41 -27.73
N VAL B 15 4.71 2.04 -27.98
CA VAL B 15 4.63 3.12 -28.97
C VAL B 15 4.82 4.47 -28.28
N PRO B 16 5.54 5.41 -28.91
CA PRO B 16 6.17 5.28 -30.23
C PRO B 16 7.29 4.23 -30.18
N TYR B 17 7.38 3.41 -31.23
CA TYR B 17 8.41 2.38 -31.29
C TYR B 17 9.44 2.70 -32.37
N ARG B 18 10.70 2.89 -31.96
CA ARG B 18 11.77 3.19 -32.90
C ARG B 18 12.81 2.07 -32.82
N SER B 19 13.19 1.51 -33.97
CA SER B 19 14.18 0.44 -33.98
C SER B 19 15.26 0.72 -35.01
N LYS B 20 16.50 0.39 -34.67
CA LYS B 20 17.64 0.61 -35.56
C LYS B 20 18.05 -0.68 -36.25
N LEU B 21 18.19 -0.63 -37.57
CA LEU B 21 18.59 -1.79 -38.35
C LEU B 21 20.06 -2.11 -38.10
N THR B 22 20.41 -3.38 -38.19
CA THR B 22 21.79 -3.81 -37.98
C THR B 22 22.60 -3.45 -39.23
N GLU B 23 21.93 -3.46 -40.37
CA GLU B 23 22.55 -3.13 -41.65
C GLU B 23 21.48 -2.47 -42.53
N PRO B 24 21.87 -1.87 -43.66
CA PRO B 24 20.90 -1.21 -44.52
C PRO B 24 19.78 -2.14 -44.97
N PHE B 25 18.59 -1.59 -45.18
CA PHE B 25 17.46 -2.39 -45.65
C PHE B 25 17.84 -2.74 -47.09
N GLU B 26 17.82 -4.03 -47.43
CA GLU B 26 18.21 -4.45 -48.77
C GLU B 26 17.10 -5.16 -49.54
N PRO B 27 17.21 -5.17 -50.88
CA PRO B 27 16.21 -5.84 -51.72
C PRO B 27 16.12 -7.28 -51.24
N GLY B 28 14.90 -7.79 -51.11
CA GLY B 28 14.72 -9.16 -50.65
C GLY B 28 14.32 -9.30 -49.20
N GLN B 29 14.49 -8.25 -48.41
CA GLN B 29 14.14 -8.32 -46.99
C GLN B 29 12.73 -7.77 -46.77
N THR B 30 12.06 -8.31 -45.74
CA THR B 30 10.70 -7.92 -45.40
C THR B 30 10.60 -7.40 -43.96
N LEU B 31 9.82 -6.35 -43.76
CA LEU B 31 9.57 -5.81 -42.43
C LEU B 31 8.13 -6.18 -42.12
N ILE B 32 7.94 -6.95 -41.05
CA ILE B 32 6.60 -7.39 -40.66
C ILE B 32 6.13 -6.65 -39.41
N ILE B 33 4.93 -6.07 -39.49
CA ILE B 33 4.33 -5.35 -38.36
C ILE B 33 2.91 -5.88 -38.11
N LYS B 34 2.69 -6.42 -36.91
CA LYS B 34 1.37 -6.93 -36.57
C LYS B 34 0.94 -6.28 -35.28
N GLY B 35 -0.36 -6.05 -35.13
CA GLY B 35 -0.84 -5.41 -33.93
C GLY B 35 -2.36 -5.34 -33.81
N LYS B 36 -2.82 -4.77 -32.72
CA LYS B 36 -4.24 -4.63 -32.46
C LYS B 36 -4.63 -3.16 -32.47
N THR B 37 -5.89 -2.88 -32.82
CA THR B 37 -6.36 -1.50 -32.82
C THR B 37 -7.56 -1.43 -31.89
N ALA B 38 -7.90 -0.22 -31.45
CA ALA B 38 -9.03 -0.03 -30.55
C ALA B 38 -10.22 0.53 -31.32
N GLU B 39 -11.41 0.41 -30.75
CA GLU B 39 -12.61 0.93 -31.42
C GLU B 39 -12.58 2.45 -31.55
N ASP B 40 -11.64 3.08 -30.85
CA ASP B 40 -11.51 4.53 -30.91
C ASP B 40 -10.19 4.95 -31.59
N SER B 41 -9.55 4.01 -32.29
CA SER B 41 -8.31 4.31 -33.00
C SER B 41 -8.59 5.23 -34.18
N VAL B 42 -7.76 6.24 -34.38
CA VAL B 42 -7.92 7.17 -35.48
C VAL B 42 -6.97 6.80 -36.61
N ARG B 43 -5.72 6.52 -36.26
CA ARG B 43 -4.71 6.12 -37.24
C ARG B 43 -3.41 5.70 -36.58
N PHE B 44 -2.55 5.10 -37.39
CA PHE B 44 -1.23 4.70 -36.94
C PHE B 44 -0.32 4.77 -38.16
N THR B 45 0.98 4.92 -37.92
CA THR B 45 1.94 5.05 -39.00
C THR B 45 3.10 4.08 -38.90
N ILE B 46 3.71 3.82 -40.04
CA ILE B 46 4.89 2.97 -40.13
C ILE B 46 5.85 3.75 -41.02
N ASN B 47 7.02 4.08 -40.50
CA ASN B 47 8.02 4.82 -41.26
C ASN B 47 9.34 4.05 -41.42
N LEU B 48 9.86 4.02 -42.64
CA LEU B 48 11.16 3.42 -42.88
C LEU B 48 11.95 4.72 -42.85
N HIS B 49 12.55 4.97 -41.69
CA HIS B 49 13.29 6.20 -41.38
C HIS B 49 14.79 6.26 -41.60
N ASN B 50 15.25 7.49 -41.73
CA ASN B 50 16.65 7.80 -41.92
C ASN B 50 17.08 8.55 -40.66
N THR B 51 18.39 8.65 -40.47
CA THR B 51 19.02 9.33 -39.33
C THR B 51 20.26 8.55 -38.93
N SER B 52 21.21 9.24 -38.30
CA SER B 52 22.45 8.60 -37.85
C SER B 52 22.15 7.79 -36.60
N ALA B 53 22.22 8.44 -35.44
CA ALA B 53 21.92 7.79 -34.17
C ALA B 53 20.54 8.27 -33.76
N ASP B 54 20.33 9.59 -33.82
CA ASP B 54 19.07 10.20 -33.46
C ASP B 54 19.04 11.67 -33.87
N PHE B 55 19.42 11.95 -35.11
CA PHE B 55 19.43 13.31 -35.65
C PHE B 55 18.01 13.88 -35.63
N SER B 56 17.04 13.04 -35.97
CA SER B 56 15.62 13.43 -35.99
C SER B 56 15.27 14.40 -37.10
N GLY B 57 14.10 14.20 -37.70
CA GLY B 57 13.64 15.07 -38.77
C GLY B 57 14.26 14.68 -40.11
N ASN B 58 14.97 13.57 -40.12
CA ASN B 58 15.62 13.10 -41.34
C ASN B 58 14.62 12.64 -42.40
N ASP B 59 15.14 12.05 -43.47
CA ASP B 59 14.31 11.59 -44.57
C ASP B 59 13.49 10.34 -44.22
N VAL B 60 12.42 10.15 -44.97
CA VAL B 60 11.54 8.99 -44.80
C VAL B 60 11.25 8.45 -46.19
N PRO B 61 12.06 7.49 -46.66
CA PRO B 61 11.89 6.89 -47.99
C PRO B 61 10.50 6.30 -48.18
N LEU B 62 9.95 5.71 -47.13
CA LEU B 62 8.62 5.14 -47.22
C LEU B 62 7.82 5.39 -45.95
N HIS B 63 6.72 6.11 -46.11
CA HIS B 63 5.80 6.43 -45.03
C HIS B 63 4.47 5.78 -45.33
N ILE B 64 3.91 5.12 -44.33
CA ILE B 64 2.60 4.48 -44.49
C ILE B 64 1.69 4.99 -43.38
N SER B 65 0.58 5.61 -43.77
CA SER B 65 -0.37 6.13 -42.81
C SER B 65 -1.70 5.39 -42.98
N VAL B 66 -2.02 4.52 -42.03
CA VAL B 66 -3.28 3.78 -42.10
C VAL B 66 -4.28 4.66 -41.35
N ARG B 67 -5.24 5.19 -42.09
CA ARG B 67 -6.22 6.10 -41.50
C ARG B 67 -7.63 5.56 -41.39
N PHE B 68 -8.11 5.42 -40.16
CA PHE B 68 -9.46 4.95 -39.90
C PHE B 68 -10.45 6.11 -40.04
N ASP B 69 -9.98 7.33 -39.76
CA ASP B 69 -10.86 8.47 -39.90
C ASP B 69 -11.17 8.67 -41.38
N GLU B 70 -10.14 8.53 -42.23
CA GLU B 70 -10.33 8.69 -43.67
C GLU B 70 -10.67 7.41 -44.41
N GLY B 71 -10.45 6.25 -43.79
CA GLY B 71 -10.75 5.00 -44.45
C GLY B 71 -9.82 4.75 -45.63
N LYS B 72 -8.59 5.25 -45.51
CA LYS B 72 -7.60 5.09 -46.57
C LYS B 72 -6.21 4.82 -45.99
N ILE B 73 -5.32 4.27 -46.81
CA ILE B 73 -3.94 4.04 -46.42
C ILE B 73 -3.16 4.97 -47.33
N VAL B 74 -2.38 5.85 -46.74
CA VAL B 74 -1.61 6.83 -47.50
C VAL B 74 -0.13 6.50 -47.52
N PHE B 75 0.45 6.50 -48.72
CA PHE B 75 1.87 6.21 -48.89
C PHE B 75 2.56 7.47 -49.39
N ASN B 76 3.69 7.81 -48.79
CA ASN B 76 4.40 9.00 -49.22
C ASN B 76 5.87 8.92 -48.84
N THR B 77 6.63 9.92 -49.27
CA THR B 77 8.05 10.00 -48.98
C THR B 77 8.38 11.40 -48.48
N PHE B 78 9.14 11.48 -47.39
CA PHE B 78 9.54 12.77 -46.86
C PHE B 78 11.01 12.94 -47.22
N SER B 79 11.30 13.95 -48.04
CA SER B 79 12.67 14.20 -48.46
C SER B 79 12.92 15.68 -48.67
N LYS B 80 14.14 16.11 -48.39
CA LYS B 80 14.50 17.52 -48.55
C LYS B 80 13.52 18.43 -47.83
N GLY B 81 13.15 18.04 -46.62
CA GLY B 81 12.25 18.83 -45.80
C GLY B 81 10.79 18.90 -46.21
N GLU B 82 10.35 18.06 -47.14
CA GLU B 82 8.95 18.09 -47.56
C GLU B 82 8.33 16.74 -47.91
N TRP B 83 7.00 16.70 -47.81
CA TRP B 83 6.26 15.50 -48.17
C TRP B 83 6.04 15.58 -49.68
N GLY B 84 6.09 14.44 -50.35
CA GLY B 84 5.89 14.42 -51.78
C GLY B 84 4.43 14.22 -52.08
N LYS B 85 4.12 13.76 -53.28
CA LYS B 85 2.73 13.53 -53.66
C LYS B 85 2.24 12.22 -53.06
N GLU B 86 1.09 12.27 -52.40
CA GLU B 86 0.54 11.09 -51.76
C GLU B 86 -0.04 10.07 -52.75
N GLU B 87 0.11 8.80 -52.44
CA GLU B 87 -0.44 7.72 -53.24
C GLU B 87 -1.34 7.01 -52.25
N ARG B 88 -2.59 6.77 -52.64
CA ARG B 88 -3.54 6.14 -51.74
C ARG B 88 -4.18 4.85 -52.18
N LYS B 89 -4.63 4.09 -51.19
CA LYS B 89 -5.31 2.83 -51.39
C LYS B 89 -6.38 2.76 -50.31
N SER B 90 -7.40 1.94 -50.51
CA SER B 90 -8.45 1.83 -49.51
C SER B 90 -7.92 1.10 -48.26
N ASN B 91 -8.46 1.48 -47.11
CA ASN B 91 -8.09 0.85 -45.84
C ASN B 91 -9.10 -0.26 -45.61
N PRO B 92 -8.67 -1.52 -45.76
CA PRO B 92 -9.57 -2.66 -45.57
C PRO B 92 -9.90 -2.90 -44.11
N TYR B 93 -9.20 -2.22 -43.21
CA TYR B 93 -9.43 -2.38 -41.77
C TYR B 93 -10.43 -1.39 -41.20
N LYS B 94 -11.21 -1.83 -40.24
CA LYS B 94 -12.17 -0.98 -39.56
C LYS B 94 -11.64 -0.87 -38.13
N LYS B 95 -11.97 0.23 -37.45
CA LYS B 95 -11.52 0.43 -36.08
C LYS B 95 -11.72 -0.86 -35.32
N GLY B 96 -10.70 -1.29 -34.59
CA GLY B 96 -10.79 -2.54 -33.85
C GLY B 96 -10.15 -3.59 -34.74
N ASP B 97 -10.13 -4.84 -34.29
CA ASP B 97 -9.51 -5.92 -35.06
C ASP B 97 -8.04 -5.69 -35.43
N ASP B 98 -7.33 -6.81 -35.52
CA ASP B 98 -5.90 -6.84 -35.78
C ASP B 98 -5.44 -6.47 -37.18
N ILE B 99 -4.22 -5.94 -37.25
CA ILE B 99 -3.64 -5.58 -38.53
C ILE B 99 -2.36 -6.37 -38.75
N ASP B 100 -2.05 -6.61 -40.02
CA ASP B 100 -0.86 -7.37 -40.41
C ASP B 100 -0.36 -6.71 -41.69
N ILE B 101 0.66 -5.88 -41.55
CA ILE B 101 1.22 -5.18 -42.69
C ILE B 101 2.66 -5.62 -42.88
N ARG B 102 2.99 -6.02 -44.10
CA ARG B 102 4.32 -6.48 -44.41
C ARG B 102 4.90 -5.71 -45.59
N ILE B 103 6.11 -5.20 -45.40
CA ILE B 103 6.79 -4.41 -46.41
C ILE B 103 8.06 -5.13 -46.93
N ARG B 104 8.02 -5.59 -48.18
CA ARG B 104 9.18 -6.25 -48.76
C ARG B 104 9.85 -5.32 -49.78
N ALA B 105 11.14 -5.06 -49.58
CA ALA B 105 11.88 -4.19 -50.49
C ALA B 105 12.43 -4.97 -51.67
N HIS B 106 12.48 -4.31 -52.82
CA HIS B 106 13.03 -4.87 -54.06
C HIS B 106 13.96 -3.79 -54.61
N ASP B 107 14.61 -4.04 -55.73
CA ASP B 107 15.54 -3.04 -56.25
C ASP B 107 14.89 -1.82 -56.90
N SER B 108 13.60 -1.87 -57.18
CA SER B 108 12.96 -0.72 -57.81
C SER B 108 11.70 -0.25 -57.08
N LYS B 109 11.28 -0.99 -56.07
CA LYS B 109 10.06 -0.63 -55.36
C LYS B 109 9.93 -1.40 -54.04
N PHE B 110 8.87 -1.06 -53.32
CA PHE B 110 8.52 -1.73 -52.08
C PHE B 110 7.19 -2.42 -52.43
N SER B 111 7.00 -3.63 -51.90
CA SER B 111 5.76 -4.35 -52.12
C SER B 111 5.11 -4.44 -50.75
N ILE B 112 3.96 -3.81 -50.60
CA ILE B 112 3.26 -3.81 -49.33
C ILE B 112 2.04 -4.72 -49.35
N SER B 113 1.98 -5.61 -48.37
CA SER B 113 0.87 -6.56 -48.25
C SER B 113 0.09 -6.30 -46.97
N VAL B 114 -1.22 -6.52 -47.04
CA VAL B 114 -2.11 -6.37 -45.91
C VAL B 114 -2.80 -7.71 -45.77
N ASP B 115 -2.70 -8.30 -44.58
CA ASP B 115 -3.27 -9.62 -44.32
C ASP B 115 -2.70 -10.61 -45.34
N GLN B 116 -1.41 -10.46 -45.63
CA GLN B 116 -0.71 -11.36 -46.55
C GLN B 116 -1.17 -11.30 -48.00
N LYS B 117 -1.90 -10.24 -48.34
CA LYS B 117 -2.39 -10.02 -49.70
C LYS B 117 -1.77 -8.72 -50.21
N GLU B 118 -1.10 -8.78 -51.36
CA GLU B 118 -0.47 -7.58 -51.92
C GLU B 118 -1.52 -6.51 -52.23
N VAL B 119 -1.29 -5.30 -51.73
CA VAL B 119 -2.22 -4.19 -51.97
C VAL B 119 -1.54 -2.98 -52.58
N LYS B 120 -0.22 -2.91 -52.49
CA LYS B 120 0.48 -1.76 -53.05
C LYS B 120 1.94 -1.97 -53.40
N GLU B 121 2.30 -1.41 -54.56
CA GLU B 121 3.68 -1.42 -55.04
C GLU B 121 4.05 0.06 -55.05
N TYR B 122 5.05 0.43 -54.25
CA TYR B 122 5.49 1.83 -54.15
C TYR B 122 6.89 1.94 -54.75
N GLU B 123 7.01 2.65 -55.87
CA GLU B 123 8.31 2.82 -56.52
C GLU B 123 9.25 3.67 -55.66
N HIS B 124 10.52 3.29 -55.60
CA HIS B 124 11.49 4.03 -54.82
C HIS B 124 11.60 5.46 -55.36
N ARG B 125 11.56 6.43 -54.46
CA ARG B 125 11.68 7.83 -54.84
C ARG B 125 13.02 8.38 -54.39
N VAL B 126 13.57 7.79 -53.32
CA VAL B 126 14.88 8.16 -52.82
C VAL B 126 15.60 6.84 -52.54
N PRO B 127 16.92 6.89 -52.32
CA PRO B 127 17.68 5.65 -52.05
C PRO B 127 17.21 4.77 -50.91
N LEU B 128 16.95 3.51 -51.24
CA LEU B 128 16.54 2.51 -50.26
C LEU B 128 17.61 2.37 -49.19
N SER B 129 18.87 2.52 -49.61
CA SER B 129 20.01 2.37 -48.71
C SER B 129 20.06 3.45 -47.64
N SER B 130 19.25 4.50 -47.79
CA SER B 130 19.23 5.56 -46.81
C SER B 130 18.35 5.17 -45.61
N VAL B 131 17.67 4.04 -45.72
CA VAL B 131 16.83 3.56 -44.61
C VAL B 131 17.69 2.90 -43.56
N THR B 132 17.78 3.52 -42.39
CA THR B 132 18.60 2.99 -41.29
C THR B 132 17.77 2.57 -40.07
N HIS B 133 16.51 3.04 -40.03
CA HIS B 133 15.61 2.74 -38.92
C HIS B 133 14.18 2.60 -39.43
N PHE B 134 13.30 2.10 -38.57
CA PHE B 134 11.88 2.01 -38.88
C PHE B 134 11.16 2.37 -37.59
N SER B 135 10.05 3.09 -37.71
CA SER B 135 9.27 3.51 -36.55
C SER B 135 7.78 3.24 -36.75
N VAL B 136 7.12 2.84 -35.66
CA VAL B 136 5.69 2.59 -35.68
C VAL B 136 5.11 3.46 -34.56
N ASP B 137 4.08 4.24 -34.86
CA ASP B 137 3.48 5.11 -33.85
C ASP B 137 1.98 5.20 -34.11
N GLY B 138 1.26 5.80 -33.16
CA GLY B 138 -0.17 5.97 -33.34
C GLY B 138 -1.07 5.07 -32.53
N ASP B 139 -2.32 4.96 -32.96
CA ASP B 139 -3.33 4.15 -32.28
C ASP B 139 -3.26 2.67 -32.61
N ILE B 140 -2.21 2.02 -32.12
CA ILE B 140 -2.00 0.60 -32.35
C ILE B 140 -1.25 -0.04 -31.20
N LEU B 141 -1.64 -1.24 -30.83
CA LEU B 141 -0.97 -2.00 -29.77
C LEU B 141 -0.17 -3.05 -30.55
N ILE B 142 1.13 -2.82 -30.71
CA ILE B 142 2.00 -3.72 -31.45
C ILE B 142 2.21 -5.05 -30.74
N THR B 143 2.00 -6.15 -31.47
CA THR B 143 2.15 -7.48 -30.89
C THR B 143 3.31 -8.28 -31.50
N TYR B 144 3.72 -7.92 -32.71
CA TYR B 144 4.81 -8.64 -33.37
C TYR B 144 5.50 -7.80 -34.44
N ILE B 145 6.83 -7.84 -34.41
CA ILE B 145 7.65 -7.14 -35.38
C ILE B 145 8.82 -8.03 -35.75
N HIS B 146 9.20 -8.00 -37.02
CA HIS B 146 10.34 -8.77 -37.50
C HIS B 146 10.84 -8.26 -38.82
N TRP B 147 12.16 -8.17 -38.94
CA TRP B 147 12.75 -7.74 -40.20
C TRP B 147 13.87 -8.73 -40.50
N GLY B 148 13.89 -9.23 -41.72
CA GLY B 148 14.91 -10.18 -42.10
C GLY B 148 14.54 -10.81 -43.43
N GLY B 149 15.10 -11.98 -43.69
CA GLY B 149 14.80 -12.66 -44.94
C GLY B 149 15.70 -12.18 -46.05
N LYS B 150 15.50 -12.73 -47.24
CA LYS B 150 16.28 -12.38 -48.41
C LYS B 150 15.61 -13.09 -49.58
N TYR B 151 16.24 -13.03 -50.74
CA TYR B 151 15.68 -13.74 -51.88
C TYR B 151 16.13 -15.19 -51.74
N TYR B 152 15.21 -16.08 -51.40
CA TYR B 152 15.54 -17.48 -51.24
C TYR B 152 15.29 -18.22 -52.55
N PRO B 153 16.32 -18.87 -53.11
CA PRO B 153 16.14 -19.61 -54.36
C PRO B 153 15.31 -20.86 -54.10
N VAL B 154 14.42 -21.20 -55.03
CA VAL B 154 13.62 -22.42 -54.91
C VAL B 154 13.74 -23.14 -56.24
N PRO B 155 14.06 -24.45 -56.23
CA PRO B 155 14.32 -25.34 -55.10
C PRO B 155 15.37 -24.78 -54.15
N TYR B 156 15.14 -24.98 -52.87
CA TYR B 156 16.02 -24.51 -51.81
C TYR B 156 16.54 -25.69 -51.00
N GLU B 157 17.79 -25.57 -50.53
CA GLU B 157 18.37 -26.60 -49.70
C GLU B 157 19.54 -26.00 -48.92
N SER B 158 19.65 -26.40 -47.65
CA SER B 158 20.74 -25.93 -46.82
C SER B 158 20.79 -26.79 -45.57
N GLY B 159 21.88 -26.67 -44.84
CA GLY B 159 22.00 -27.42 -43.61
C GLY B 159 21.46 -26.48 -42.53
N LEU B 160 21.26 -27.00 -41.33
CA LEU B 160 20.76 -26.17 -40.24
C LEU B 160 21.86 -26.09 -39.20
N ALA B 161 22.31 -24.87 -38.93
CA ALA B 161 23.37 -24.57 -37.96
C ALA B 161 24.17 -25.77 -37.46
N GLY B 162 24.15 -26.00 -36.16
CA GLY B 162 24.87 -27.12 -35.58
C GLY B 162 23.97 -28.13 -34.91
N ASP B 163 23.22 -27.69 -33.91
CA ASP B 163 22.31 -28.57 -33.20
C ASP B 163 21.14 -28.94 -34.12
N GLY B 164 20.94 -28.15 -35.16
CA GLY B 164 19.85 -28.41 -36.09
C GLY B 164 18.50 -28.09 -35.47
N LEU B 165 17.46 -28.75 -35.95
CA LEU B 165 16.10 -28.54 -35.46
C LEU B 165 15.76 -29.64 -34.44
N ALA B 166 16.31 -29.53 -33.23
CA ALA B 166 16.07 -30.53 -32.19
C ALA B 166 14.91 -30.15 -31.28
N PRO B 167 14.43 -31.09 -30.45
CA PRO B 167 13.32 -30.76 -29.55
C PRO B 167 13.61 -29.47 -28.81
N GLY B 168 12.61 -28.60 -28.71
CA GLY B 168 12.82 -27.34 -28.03
C GLY B 168 13.12 -26.20 -28.99
N LYS B 169 13.35 -26.53 -30.25
CA LYS B 169 13.62 -25.48 -31.23
C LYS B 169 12.53 -25.45 -32.29
N SER B 170 12.45 -24.36 -33.03
CA SER B 170 11.43 -24.23 -34.05
C SER B 170 11.93 -23.57 -35.32
N LEU B 171 11.39 -24.04 -36.43
CA LEU B 171 11.72 -23.48 -37.74
C LEU B 171 10.50 -22.72 -38.23
N LEU B 172 10.69 -21.44 -38.55
CA LEU B 172 9.60 -20.61 -39.04
C LEU B 172 9.91 -20.21 -40.48
N ILE B 173 8.99 -20.51 -41.38
CA ILE B 173 9.17 -20.20 -42.79
C ILE B 173 8.02 -19.34 -43.29
N PHE B 174 8.35 -18.24 -43.95
CA PHE B 174 7.35 -17.33 -44.53
C PHE B 174 7.39 -17.63 -46.03
N ALA B 175 6.25 -17.96 -46.60
CA ALA B 175 6.20 -18.29 -48.01
C ALA B 175 4.87 -17.90 -48.65
N THR B 176 4.87 -17.82 -49.97
CA THR B 176 3.66 -17.49 -50.72
C THR B 176 3.48 -18.54 -51.80
N PRO B 177 2.50 -19.45 -51.63
CA PRO B 177 2.28 -20.45 -52.67
C PRO B 177 1.92 -19.70 -53.95
N GLU B 178 2.41 -20.20 -55.08
CA GLU B 178 2.15 -19.52 -56.36
C GLU B 178 0.67 -19.42 -56.73
N LYS B 179 0.33 -18.31 -57.36
CA LYS B 179 -1.04 -18.04 -57.80
C LYS B 179 -1.65 -19.17 -58.62
N LYS B 180 -0.84 -19.78 -59.47
CA LYS B 180 -1.30 -20.88 -60.31
C LYS B 180 -0.62 -22.20 -59.98
N GLY B 181 -0.02 -22.27 -58.79
CA GLY B 181 0.68 -23.48 -58.39
C GLY B 181 -0.23 -24.63 -58.03
N LYS B 182 0.32 -25.84 -58.09
CA LYS B 182 -0.46 -27.04 -57.75
C LYS B 182 -0.07 -27.54 -56.37
N ARG B 183 1.23 -27.53 -56.08
CA ARG B 183 1.73 -28.00 -54.80
C ARG B 183 3.17 -27.59 -54.52
N PHE B 184 3.58 -27.72 -53.27
CA PHE B 184 4.94 -27.42 -52.90
C PHE B 184 5.24 -28.27 -51.67
N HIS B 185 6.51 -28.31 -51.26
CA HIS B 185 6.84 -29.13 -50.11
C HIS B 185 7.99 -28.58 -49.31
N ILE B 186 8.06 -29.01 -48.05
CA ILE B 186 9.12 -28.63 -47.12
C ILE B 186 9.60 -29.94 -46.50
N ASN B 187 10.90 -30.22 -46.64
CA ASN B 187 11.45 -31.45 -46.05
C ASN B 187 12.43 -31.11 -44.94
N LEU B 188 12.25 -31.77 -43.79
CA LEU B 188 13.12 -31.61 -42.63
C LEU B 188 13.87 -32.93 -42.66
N LEU B 189 15.18 -32.88 -42.94
CA LEU B 189 15.96 -34.10 -43.09
C LEU B 189 17.04 -34.41 -42.06
N LYS B 190 17.39 -35.71 -42.02
CA LYS B 190 18.44 -36.20 -41.14
C LYS B 190 19.71 -36.25 -42.00
N LYS B 191 20.85 -36.41 -41.36
CA LYS B 191 22.13 -36.44 -42.06
C LYS B 191 22.30 -37.56 -43.09
N ASN B 192 21.54 -38.64 -42.95
CA ASN B 192 21.66 -39.75 -43.90
C ASN B 192 20.70 -39.60 -45.09
N GLY B 193 19.93 -38.51 -45.11
CA GLY B 193 19.02 -38.31 -46.22
C GLY B 193 17.57 -38.66 -45.94
N ASP B 194 17.30 -39.40 -44.87
CA ASP B 194 15.91 -39.73 -44.56
C ASP B 194 15.17 -38.42 -44.30
N ILE B 195 13.87 -38.40 -44.54
CA ILE B 195 13.07 -37.20 -44.29
C ILE B 195 12.22 -37.44 -43.05
N ALA B 196 12.57 -36.78 -41.96
CA ALA B 196 11.82 -36.92 -40.72
C ALA B 196 10.42 -36.37 -40.92
N LEU B 197 10.29 -35.29 -41.69
CA LEU B 197 8.98 -34.70 -41.95
C LEU B 197 8.89 -34.06 -43.33
N HIS B 198 7.97 -34.59 -44.13
CA HIS B 198 7.69 -34.09 -45.47
C HIS B 198 6.35 -33.40 -45.27
N PHE B 199 6.32 -32.08 -45.47
CA PHE B 199 5.12 -31.25 -45.32
C PHE B 199 4.78 -30.83 -46.74
N ASN B 200 3.68 -31.36 -47.26
CA ASN B 200 3.33 -31.17 -48.67
C ASN B 200 1.90 -30.72 -48.98
N PRO B 201 1.66 -29.39 -49.04
CA PRO B 201 0.32 -28.89 -49.34
C PRO B 201 -0.04 -29.20 -50.80
N ARG B 202 -1.20 -29.79 -51.02
CA ARG B 202 -1.65 -30.11 -52.37
C ARG B 202 -3.00 -29.45 -52.65
N PHE B 203 -2.98 -28.34 -53.37
CA PHE B 203 -4.20 -27.62 -53.69
C PHE B 203 -5.10 -28.43 -54.62
N ASP B 204 -4.49 -29.27 -55.45
CA ASP B 204 -5.24 -30.10 -56.38
C ASP B 204 -5.97 -31.23 -55.64
N GLU B 205 -5.51 -31.52 -54.42
CA GLU B 205 -6.13 -32.58 -53.61
C GLU B 205 -6.77 -31.97 -52.37
N LYS B 206 -6.71 -30.65 -52.27
CA LYS B 206 -7.30 -29.92 -51.15
C LYS B 206 -6.86 -30.42 -49.78
N ALA B 207 -5.58 -30.74 -49.65
CA ALA B 207 -5.07 -31.23 -48.38
C ALA B 207 -3.58 -31.02 -48.24
N ILE B 208 -3.05 -31.23 -47.04
CA ILE B 208 -1.62 -31.11 -46.82
C ILE B 208 -1.15 -32.48 -46.37
N VAL B 209 -0.33 -33.12 -47.19
CA VAL B 209 0.17 -34.43 -46.83
C VAL B 209 1.43 -34.32 -45.96
N ARG B 210 1.48 -35.15 -44.92
CA ARG B 210 2.63 -35.21 -44.03
C ARG B 210 3.08 -36.67 -44.08
N ASN B 211 4.38 -36.90 -44.18
CA ASN B 211 4.88 -38.27 -44.26
C ASN B 211 6.38 -38.26 -43.96
N SER B 212 6.98 -39.44 -43.89
CA SER B 212 8.41 -39.58 -43.64
C SER B 212 9.00 -40.48 -44.72
N LEU B 213 10.26 -40.24 -45.07
CA LEU B 213 10.95 -41.07 -46.05
C LEU B 213 12.06 -41.73 -45.25
N ILE B 214 11.97 -43.05 -45.09
CA ILE B 214 12.95 -43.79 -44.32
C ILE B 214 13.56 -44.89 -45.19
N SER B 215 14.87 -44.83 -45.37
CA SER B 215 15.57 -45.80 -46.21
C SER B 215 14.95 -45.88 -47.60
N GLY B 216 14.63 -44.71 -48.17
CA GLY B 216 14.06 -44.64 -49.50
C GLY B 216 12.62 -45.05 -49.64
N GLU B 217 11.93 -45.30 -48.53
CA GLU B 217 10.53 -45.71 -48.58
C GLU B 217 9.59 -44.72 -47.89
N TRP B 218 8.53 -44.33 -48.58
CA TRP B 218 7.55 -43.40 -48.00
C TRP B 218 6.67 -44.14 -47.00
N GLY B 219 6.28 -43.44 -45.93
CA GLY B 219 5.43 -44.04 -44.92
C GLY B 219 3.95 -43.97 -45.25
N ASN B 220 3.11 -44.06 -44.22
CA ASN B 220 1.65 -44.06 -44.33
C ASN B 220 0.89 -42.87 -44.95
N GLU B 221 1.34 -41.65 -44.66
CA GLU B 221 0.69 -40.42 -45.13
C GLU B 221 -0.42 -39.99 -44.18
N GLU B 222 -0.24 -38.82 -43.60
CA GLU B 222 -1.21 -38.25 -42.68
C GLU B 222 -1.70 -37.00 -43.37
N ARG B 223 -2.99 -36.97 -43.69
CA ARG B 223 -3.57 -35.83 -44.38
C ARG B 223 -4.77 -35.25 -43.66
N GLU B 224 -5.61 -34.57 -44.42
CA GLU B 224 -6.83 -33.93 -43.91
C GLU B 224 -6.64 -32.98 -42.73
N GLY B 225 -7.28 -31.82 -42.87
CA GLY B 225 -7.22 -30.76 -41.88
C GLY B 225 -7.94 -29.57 -42.50
N LYS B 226 -8.21 -29.69 -43.80
CA LYS B 226 -8.90 -28.67 -44.60
C LYS B 226 -7.99 -27.74 -45.39
N ASN B 227 -6.70 -27.79 -45.12
CA ASN B 227 -5.73 -26.92 -45.81
C ASN B 227 -6.11 -25.46 -45.72
N PRO B 228 -5.48 -24.73 -44.78
CA PRO B 228 -5.76 -23.31 -44.59
C PRO B 228 -5.01 -22.39 -45.56
N LEU B 229 -4.22 -22.98 -46.45
CA LEU B 229 -3.48 -22.16 -47.40
C LEU B 229 -4.31 -21.78 -48.62
N GLU B 230 -3.92 -20.70 -49.28
CA GLU B 230 -4.61 -20.23 -50.47
C GLU B 230 -3.57 -19.78 -51.48
N LYS B 231 -3.76 -20.12 -52.74
CA LYS B 231 -2.82 -19.74 -53.78
C LYS B 231 -2.64 -18.22 -53.82
N GLY B 232 -1.39 -17.79 -53.97
CA GLY B 232 -1.12 -16.37 -54.06
C GLY B 232 -1.16 -15.53 -52.79
N ILE B 233 -1.52 -16.12 -51.66
CA ILE B 233 -1.54 -15.35 -50.42
C ILE B 233 -0.43 -15.83 -49.48
N GLY B 234 0.25 -14.90 -48.82
CA GLY B 234 1.31 -15.27 -47.91
C GLY B 234 0.86 -16.11 -46.73
N CYS B 235 1.76 -16.92 -46.19
CA CYS B 235 1.44 -17.75 -45.03
C CYS B 235 2.64 -17.84 -44.11
N ASP B 236 2.38 -18.20 -42.85
CA ASP B 236 3.42 -18.34 -41.85
C ASP B 236 3.38 -19.80 -41.44
N LEU B 237 4.48 -20.51 -41.70
CA LEU B 237 4.53 -21.93 -41.35
C LEU B 237 5.55 -22.13 -40.24
N GLU B 238 5.15 -22.81 -39.17
CA GLU B 238 6.10 -23.04 -38.09
C GLU B 238 6.13 -24.50 -37.66
N PHE B 239 7.33 -25.04 -37.62
CA PHE B 239 7.52 -26.42 -37.24
C PHE B 239 8.24 -26.44 -35.89
N ARG B 240 7.48 -26.63 -34.81
CA ARG B 240 8.06 -26.68 -33.48
C ARG B 240 8.35 -28.12 -33.13
N ASN B 241 9.63 -28.42 -32.97
CA ASN B 241 10.04 -29.77 -32.63
C ASN B 241 9.91 -29.93 -31.12
N GLU B 242 9.10 -30.88 -30.69
CA GLU B 242 8.92 -31.13 -29.27
C GLU B 242 9.27 -32.58 -28.98
N GLU B 243 9.24 -32.95 -27.71
CA GLU B 243 9.61 -34.30 -27.29
C GLU B 243 8.98 -35.48 -28.02
N TYR B 244 7.66 -35.44 -28.19
CA TYR B 244 6.96 -36.55 -28.83
C TYR B 244 6.45 -36.34 -30.25
N ALA B 245 6.39 -35.09 -30.69
CA ALA B 245 5.90 -34.82 -32.04
C ALA B 245 6.21 -33.41 -32.49
N PHE B 246 6.12 -33.20 -33.80
CA PHE B 246 6.32 -31.89 -34.37
C PHE B 246 4.95 -31.24 -34.18
N GLN B 247 4.93 -29.98 -33.76
CA GLN B 247 3.68 -29.26 -33.62
C GLN B 247 3.75 -28.34 -34.84
N ILE B 248 2.85 -28.53 -35.78
CA ILE B 248 2.84 -27.74 -37.01
C ILE B 248 1.81 -26.62 -37.00
N TYR B 249 2.31 -25.39 -37.04
CA TYR B 249 1.47 -24.21 -37.03
C TYR B 249 1.38 -23.54 -38.40
N VAL B 250 0.17 -23.16 -38.79
CA VAL B 250 -0.08 -22.47 -40.06
C VAL B 250 -0.86 -21.20 -39.76
N ASP B 251 -0.23 -20.06 -40.05
CA ASP B 251 -0.83 -18.75 -39.83
C ASP B 251 -1.28 -18.52 -38.39
N GLY B 252 -0.47 -18.95 -37.42
CA GLY B 252 -0.81 -18.75 -36.03
C GLY B 252 -1.58 -19.86 -35.33
N GLU B 253 -2.22 -20.75 -36.09
CA GLU B 253 -2.99 -21.83 -35.49
C GLU B 253 -2.33 -23.20 -35.66
N ARG B 254 -2.46 -24.05 -34.64
CA ARG B 254 -1.89 -25.40 -34.71
C ARG B 254 -2.70 -26.17 -35.73
N PHE B 255 -2.11 -26.41 -36.90
CA PHE B 255 -2.78 -27.13 -37.97
C PHE B 255 -2.72 -28.65 -37.77
N ALA B 256 -1.62 -29.14 -37.20
CA ALA B 256 -1.47 -30.57 -37.00
C ALA B 256 -0.31 -30.92 -36.08
N THR B 257 -0.30 -32.18 -35.63
CA THR B 257 0.79 -32.69 -34.80
C THR B 257 1.28 -33.89 -35.59
N TYR B 258 2.59 -34.15 -35.57
CA TYR B 258 3.15 -35.27 -36.30
C TYR B 258 4.11 -36.01 -35.39
N ALA B 259 3.69 -37.20 -34.97
CA ALA B 259 4.48 -38.03 -34.08
C ALA B 259 5.80 -38.36 -34.74
N HIS B 260 6.88 -38.26 -33.97
CA HIS B 260 8.20 -38.55 -34.51
C HIS B 260 8.32 -40.00 -34.95
N ARG B 261 8.73 -40.21 -36.19
CA ARG B 261 8.91 -41.57 -36.71
C ARG B 261 10.40 -41.88 -36.75
N LEU B 262 11.20 -40.83 -36.55
CA LEU B 262 12.64 -40.97 -36.50
C LEU B 262 13.07 -40.19 -35.26
N ASP B 263 14.21 -40.57 -34.71
CA ASP B 263 14.74 -39.88 -33.54
C ASP B 263 14.79 -38.40 -33.83
N PRO B 264 14.20 -37.57 -32.94
CA PRO B 264 14.32 -36.15 -33.26
C PRO B 264 15.83 -35.91 -33.13
N HIS B 265 16.28 -34.71 -32.80
CA HIS B 265 17.74 -34.53 -32.70
C HIS B 265 18.42 -34.81 -34.05
N ASP B 266 19.44 -34.02 -34.35
CA ASP B 266 20.20 -34.18 -35.58
C ASP B 266 19.42 -33.96 -36.89
N ILE B 267 18.34 -33.20 -36.83
CA ILE B 267 17.58 -32.87 -38.04
C ILE B 267 18.28 -31.60 -38.53
N ASN B 268 19.28 -31.78 -39.38
CA ASN B 268 20.10 -30.67 -39.87
C ASN B 268 19.97 -30.36 -41.35
N GLY B 269 18.94 -30.89 -42.00
CA GLY B 269 18.75 -30.61 -43.42
C GLY B 269 17.38 -30.02 -43.71
N LEU B 270 17.35 -29.08 -44.64
CA LEU B 270 16.11 -28.41 -45.04
C LEU B 270 16.07 -28.30 -46.55
N GLN B 271 14.92 -28.66 -47.11
CA GLN B 271 14.69 -28.58 -48.54
C GLN B 271 13.30 -28.00 -48.73
N ILE B 272 13.16 -27.12 -49.70
CA ILE B 272 11.87 -26.54 -50.02
C ILE B 272 11.75 -26.59 -51.54
N GLY B 273 10.65 -27.14 -52.03
CA GLY B 273 10.47 -27.24 -53.47
C GLY B 273 9.03 -27.07 -53.89
N GLY B 274 8.80 -27.05 -55.21
CA GLY B 274 7.44 -26.90 -55.69
C GLY B 274 7.05 -25.49 -56.08
N ASP B 275 5.75 -25.27 -56.23
CA ASP B 275 5.21 -23.99 -56.64
C ASP B 275 5.05 -23.00 -55.50
N VAL B 276 6.17 -22.54 -54.97
CA VAL B 276 6.13 -21.59 -53.87
C VAL B 276 7.30 -20.62 -53.89
N GLU B 277 7.06 -19.43 -53.33
CA GLU B 277 8.08 -18.41 -53.21
C GLU B 277 8.39 -18.33 -51.71
N VAL B 278 9.67 -18.33 -51.34
CA VAL B 278 10.05 -18.26 -49.93
C VAL B 278 10.66 -16.91 -49.62
N THR B 279 10.09 -16.23 -48.62
CA THR B 279 10.55 -14.89 -48.25
C THR B 279 11.19 -14.81 -46.88
N GLY B 280 11.16 -15.92 -46.14
CA GLY B 280 11.75 -15.91 -44.81
C GLY B 280 11.95 -17.27 -44.20
N ILE B 281 13.13 -17.47 -43.63
CA ILE B 281 13.45 -18.72 -42.97
C ILE B 281 14.21 -18.36 -41.70
N GLN B 282 13.75 -18.85 -40.55
CA GLN B 282 14.44 -18.57 -39.32
C GLN B 282 14.34 -19.72 -38.33
N MET B 283 15.45 -19.98 -37.66
CA MET B 283 15.54 -21.03 -36.66
C MET B 283 15.63 -20.38 -35.29
N VAL B 284 14.79 -20.83 -34.36
CA VAL B 284 14.79 -20.29 -33.01
C VAL B 284 14.86 -21.43 -32.00
#